data_4KS8
#
_entry.id   4KS8
#
_cell.length_a   49.616
_cell.length_b   60.099
_cell.length_c   99.979
_cell.angle_alpha   90.00
_cell.angle_beta   90.00
_cell.angle_gamma   90.00
#
_symmetry.space_group_name_H-M   'P 21 21 21'
#
loop_
_entity.id
_entity.type
_entity.pdbx_description
1 polymer 'Serine/threonine-protein kinase PAK 6'
2 non-polymer 'N-[2-(diethylamino)ethyl]-5-[(Z)-(5-fluoro-2-oxo-1,2-dihydro-3H-indol-3-ylidene)methyl]-2,4-dimethyl-1H-pyrrole-3-carbo xamide'
3 water water
#
_entity_poly.entity_id   1
_entity_poly.type   'polypeptide(L)'
_entity_poly.pdbx_seq_one_letter_code
;GSVTHEQFKAALRMVVDQGDPRLLLDSYVKIGEGSTGIVCLAREKHSGRQVAVKMMDLRKQQRRELLFNEVVIMRDYQHF
NVVEMYKSYLVGEELWVLMEFLQGGALTDIVSQVRLNEEQIATVCEAVLQALAYLHAQGVIHRDIKSDSILLTLDGRVKL
SDFGFCAQISKDVPKRK(SEP)LVGTPYWMAPEVISRSLYATEVDIWSLGIMVIEMVDGEPPYFSDSPVQAMKRLRDSPP
PKLKNSHKVSPVLRDFLERMLVRDPQERATAQELLDHPFLLQTGLPECLVPLIQLY
;
_entity_poly.pdbx_strand_id   A
#
# COMPACT_ATOMS: atom_id res chain seq x y z
N VAL A 3 29.16 0.79 2.84
CA VAL A 3 28.80 1.83 3.84
C VAL A 3 28.57 1.18 5.21
N THR A 4 29.20 1.71 6.25
CA THR A 4 29.01 1.19 7.60
C THR A 4 27.65 1.60 8.15
N HIS A 5 27.19 0.84 9.14
CA HIS A 5 25.95 1.16 9.86
C HIS A 5 25.92 2.61 10.35
N GLU A 6 27.04 3.07 10.93
CA GLU A 6 27.11 4.44 11.47
C GLU A 6 27.01 5.52 10.40
N GLN A 7 27.53 5.23 9.21
CA GLN A 7 27.45 6.16 8.09
C GLN A 7 26.04 6.19 7.53
N PHE A 8 25.43 5.01 7.41
CA PHE A 8 24.04 4.93 7.00
C PHE A 8 23.15 5.68 7.99
N LYS A 9 23.28 5.39 9.28
CA LYS A 9 22.48 6.07 10.29
C LYS A 9 22.63 7.59 10.18
N ALA A 10 23.85 8.05 9.93
CA ALA A 10 24.13 9.49 9.78
C ALA A 10 23.44 10.09 8.55
N ALA A 11 23.40 9.33 7.45
CA ALA A 11 22.70 9.77 6.25
C ALA A 11 21.19 9.83 6.52
N LEU A 12 20.66 8.81 7.18
CA LEU A 12 19.25 8.74 7.53
C LEU A 12 18.86 9.88 8.48
N ARG A 13 19.77 10.24 9.39
CA ARG A 13 19.54 11.32 10.34
C ARG A 13 19.22 12.64 9.67
N MET A 14 19.79 12.88 8.49
CA MET A 14 19.55 14.11 7.74
C MET A 14 18.07 14.29 7.38
N VAL A 15 17.33 13.20 7.39
CA VAL A 15 15.95 13.19 6.93
C VAL A 15 14.93 13.23 8.08
N VAL A 16 15.30 12.73 9.25
CA VAL A 16 14.39 12.71 10.41
C VAL A 16 14.41 14.04 11.18
N ASP A 17 13.42 14.22 12.07
CA ASP A 17 13.42 15.34 13.00
C ASP A 17 14.41 14.98 14.10
N GLN A 18 15.12 15.96 14.63
CA GLN A 18 16.15 15.67 15.64
C GLN A 18 15.52 15.39 17.00
N GLY A 19 16.24 14.60 17.80
CA GLY A 19 15.86 14.37 19.19
C GLY A 19 15.38 12.98 19.50
N ASP A 20 15.09 12.76 20.78
CA ASP A 20 14.58 11.51 21.30
C ASP A 20 13.11 11.75 21.65
N PRO A 21 12.18 10.97 21.06
CA PRO A 21 10.75 11.18 21.29
C PRO A 21 10.19 10.48 22.53
N ARG A 22 10.92 9.49 23.06
CA ARG A 22 10.44 8.67 24.19
C ARG A 22 9.59 9.41 25.24
N LEU A 23 10.19 10.37 25.92
CA LEU A 23 9.54 11.02 27.06
C LEU A 23 8.33 11.88 26.68
N LEU A 24 8.08 12.06 25.39
CA LEU A 24 6.89 12.77 24.91
C LEU A 24 5.70 11.82 24.67
N LEU A 25 5.93 10.51 24.81
CA LEU A 25 4.89 9.51 24.54
C LEU A 25 4.71 8.49 25.69
N ASP A 26 3.47 8.01 25.84
CA ASP A 26 3.15 6.92 26.77
C ASP A 26 2.09 5.99 26.15
N SER A 27 1.72 4.94 26.90
CA SER A 27 0.69 3.98 26.48
C SER A 27 1.09 3.18 25.24
N TYR A 28 2.33 2.70 25.22
CA TYR A 28 2.84 1.93 24.09
C TYR A 28 2.16 0.57 24.00
N VAL A 29 1.37 0.36 22.96
CA VAL A 29 0.70 -0.92 22.73
C VAL A 29 0.91 -1.34 21.28
N LYS A 30 1.34 -2.59 21.07
CA LYS A 30 1.57 -3.13 19.75
C LYS A 30 0.25 -3.49 19.07
N ILE A 31 0.11 -3.09 17.80
CA ILE A 31 -1.14 -3.33 17.05
C ILE A 31 -0.92 -4.01 15.69
N GLY A 32 0.34 -4.18 15.31
CA GLY A 32 0.68 -4.79 14.03
C GLY A 32 2.18 -5.02 13.87
N GLU A 33 2.52 -6.10 13.19
CA GLU A 33 3.90 -6.39 12.78
C GLU A 33 4.00 -6.10 11.30
N GLY A 34 5.22 -5.99 10.78
CA GLY A 34 5.41 -5.59 9.38
C GLY A 34 6.66 -6.12 8.73
N SER A 35 6.79 -5.86 7.44
CA SER A 35 7.93 -6.31 6.65
C SER A 35 9.23 -5.65 7.12
N THR A 36 9.15 -4.36 7.47
CA THR A 36 10.32 -3.60 7.91
C THR A 36 10.32 -3.30 9.41
N GLY A 37 9.22 -3.62 10.11
CA GLY A 37 9.16 -3.41 11.54
C GLY A 37 7.79 -3.51 12.18
N ILE A 38 7.72 -3.09 13.44
CA ILE A 38 6.50 -3.12 14.23
C ILE A 38 5.74 -1.79 14.12
N VAL A 39 4.41 -1.85 14.27
CA VAL A 39 3.60 -0.64 14.46
C VAL A 39 2.92 -0.70 15.83
N CYS A 40 3.11 0.34 16.62
CA CYS A 40 2.51 0.43 17.94
C CYS A 40 1.55 1.61 18.02
N LEU A 41 0.44 1.41 18.72
CA LEU A 41 -0.37 2.51 19.19
C LEU A 41 0.37 3.17 20.34
N ALA A 42 0.26 4.49 20.43
CA ALA A 42 0.83 5.25 21.53
C ALA A 42 0.03 6.53 21.72
N ARG A 43 0.37 7.26 22.76
CA ARG A 43 -0.32 8.50 23.10
C ARG A 43 0.72 9.58 23.38
N GLU A 44 0.45 10.80 22.89
CA GLU A 44 1.29 11.95 23.21
C GLU A 44 0.90 12.49 24.59
N LYS A 45 1.86 13.05 25.29
CA LYS A 45 1.61 13.57 26.63
C LYS A 45 1.01 14.97 26.57
N HIS A 46 1.69 15.88 25.91
CA HIS A 46 1.28 17.29 25.87
C HIS A 46 -0.11 17.52 25.27
N SER A 47 -0.53 16.65 24.35
CA SER A 47 -1.83 16.78 23.68
C SER A 47 -2.83 15.70 24.06
N GLY A 48 -2.33 14.51 24.37
CA GLY A 48 -3.20 13.35 24.61
C GLY A 48 -3.60 12.61 23.33
N ARG A 49 -3.09 13.07 22.18
CA ARG A 49 -3.45 12.52 20.88
C ARG A 49 -2.88 11.12 20.67
N GLN A 50 -3.72 10.21 20.17
CA GLN A 50 -3.26 8.88 19.78
C GLN A 50 -2.39 8.98 18.54
N VAL A 51 -1.36 8.14 18.47
CA VAL A 51 -0.53 8.03 17.27
C VAL A 51 -0.18 6.59 16.98
N ALA A 52 0.05 6.29 15.71
CA ALA A 52 0.65 5.04 15.30
C ALA A 52 2.13 5.33 15.18
N VAL A 53 2.94 4.47 15.76
CA VAL A 53 4.39 4.63 15.77
C VAL A 53 4.97 3.39 15.11
N LYS A 54 5.54 3.57 13.92
CA LYS A 54 6.20 2.45 13.25
C LYS A 54 7.67 2.47 13.65
N MET A 55 8.18 1.32 14.08
CA MET A 55 9.50 1.21 14.68
C MET A 55 10.29 0.17 13.92
N MET A 56 11.43 0.58 13.37
CA MET A 56 12.17 -0.26 12.42
C MET A 56 13.65 -0.27 12.75
N ASP A 57 14.24 -1.46 12.81
CA ASP A 57 15.65 -1.61 13.16
C ASP A 57 16.53 -1.41 11.94
N LEU A 58 17.47 -0.47 12.04
CA LEU A 58 18.37 -0.14 10.92
C LEU A 58 19.26 -1.31 10.49
N ARG A 59 19.45 -2.27 11.39
CA ARG A 59 20.38 -3.38 11.18
C ARG A 59 19.73 -4.60 10.51
N LYS A 60 18.43 -4.76 10.67
CA LYS A 60 17.75 -5.96 10.17
C LYS A 60 16.71 -5.63 9.10
N GLN A 61 17.21 -5.26 7.92
CA GLN A 61 16.38 -4.96 6.75
C GLN A 61 16.88 -5.74 5.55
N GLN A 62 15.96 -6.16 4.68
CA GLN A 62 16.33 -6.77 3.40
C GLN A 62 17.23 -5.81 2.60
N ARG A 63 16.75 -4.56 2.44
CA ARG A 63 17.50 -3.51 1.77
C ARG A 63 17.34 -2.22 2.57
N ARG A 64 18.33 -1.90 3.38
CA ARG A 64 18.17 -0.84 4.37
C ARG A 64 17.98 0.55 3.74
N GLU A 65 18.42 0.75 2.50
CA GLU A 65 18.23 2.03 1.83
C GLU A 65 16.76 2.38 1.65
N LEU A 66 15.90 1.37 1.62
CA LEU A 66 14.46 1.57 1.50
C LEU A 66 13.84 2.21 2.74
N LEU A 67 14.56 2.23 3.87
CA LEU A 67 14.10 2.96 5.04
C LEU A 67 13.90 4.45 4.74
N PHE A 68 14.68 5.02 3.82
CA PHE A 68 14.48 6.42 3.44
C PHE A 68 13.03 6.63 2.99
N ASN A 69 12.49 5.66 2.24
CA ASN A 69 11.11 5.73 1.76
C ASN A 69 10.08 5.81 2.89
N GLU A 70 10.41 5.25 4.05
CA GLU A 70 9.49 5.24 5.20
C GLU A 70 9.22 6.65 5.71
N VAL A 71 10.11 7.59 5.36
CA VAL A 71 9.97 8.98 5.77
C VAL A 71 9.66 9.89 4.58
N VAL A 72 10.41 9.73 3.49
CA VAL A 72 10.42 10.70 2.42
C VAL A 72 9.11 10.82 1.64
N ILE A 73 8.43 9.70 1.41
CA ILE A 73 7.22 9.72 0.60
C ILE A 73 6.12 10.53 1.27
N MET A 74 5.84 10.23 2.54
CA MET A 74 4.88 11.02 3.32
C MET A 74 5.34 12.47 3.59
N ARG A 75 6.64 12.69 3.69
CA ARG A 75 7.19 14.05 3.81
C ARG A 75 6.86 14.86 2.55
N ASP A 76 7.14 14.26 1.39
CA ASP A 76 6.95 14.91 0.12
C ASP A 76 5.49 15.03 -0.31
N TYR A 77 4.69 14.01 0.00
CA TYR A 77 3.36 13.86 -0.61
C TYR A 77 2.26 13.75 0.42
N GLN A 78 1.33 14.67 0.32
CA GLN A 78 0.11 14.67 1.14
C GLN A 78 -1.09 14.58 0.21
N HIS A 79 -2.12 13.91 0.68
CA HIS A 79 -3.35 13.70 -0.10
C HIS A 79 -4.43 13.17 0.84
N PHE A 80 -5.70 13.41 0.48
CA PHE A 80 -6.87 13.00 1.29
C PHE A 80 -6.88 11.48 1.59
N ASN A 81 -6.32 10.70 0.68
CA ASN A 81 -6.30 9.25 0.76
C ASN A 81 -4.89 8.69 0.94
N VAL A 82 -4.00 9.50 1.53
CA VAL A 82 -2.65 9.06 1.84
C VAL A 82 -2.42 9.29 3.33
N VAL A 83 -1.82 8.31 4.01
CA VAL A 83 -1.54 8.40 5.43
C VAL A 83 -0.70 9.63 5.75
N GLU A 84 -1.09 10.35 6.80
CA GLU A 84 -0.39 11.54 7.24
C GLU A 84 0.70 11.13 8.23
N MET A 85 1.89 11.69 8.03
CA MET A 85 3.00 11.52 8.97
C MET A 85 3.16 12.81 9.77
N TYR A 86 3.34 12.66 11.07
CA TYR A 86 3.55 13.79 11.96
C TYR A 86 5.02 14.11 12.12
N LYS A 87 5.78 13.12 12.56
CA LYS A 87 7.18 13.29 12.89
C LYS A 87 7.92 11.99 12.60
N SER A 88 9.24 12.10 12.48
CA SER A 88 10.11 10.93 12.42
C SER A 88 11.39 11.19 13.23
N TYR A 89 11.92 10.13 13.82
CA TYR A 89 13.10 10.22 14.67
C TYR A 89 13.98 9.00 14.51
N LEU A 90 15.27 9.20 14.77
CA LEU A 90 16.18 8.08 15.01
C LEU A 90 16.24 7.87 16.51
N VAL A 91 15.90 6.66 16.95
CA VAL A 91 15.81 6.32 18.36
C VAL A 91 16.69 5.11 18.64
N GLY A 92 17.90 5.35 19.14
CA GLY A 92 18.91 4.31 19.28
C GLY A 92 19.30 3.79 17.91
N GLU A 93 19.07 2.50 17.68
CA GLU A 93 19.33 1.87 16.40
C GLU A 93 18.02 1.62 15.63
N GLU A 94 17.01 2.43 15.90
CA GLU A 94 15.71 2.30 15.24
C GLU A 94 15.27 3.61 14.61
N LEU A 95 14.67 3.50 13.43
CA LEU A 95 13.92 4.60 12.85
C LEU A 95 12.49 4.51 13.38
N TRP A 96 11.96 5.61 13.90
CA TRP A 96 10.58 5.67 14.34
C TRP A 96 9.84 6.66 13.46
N VAL A 97 8.68 6.26 12.94
CA VAL A 97 7.85 7.14 12.13
C VAL A 97 6.51 7.28 12.85
N LEU A 98 6.14 8.51 13.16
CA LEU A 98 4.90 8.79 13.89
C LEU A 98 3.84 9.26 12.91
N MET A 99 2.71 8.56 12.90
CA MET A 99 1.67 8.80 11.91
C MET A 99 0.30 8.77 12.55
N GLU A 100 -0.68 9.31 11.83
CA GLU A 100 -2.05 9.32 12.28
C GLU A 100 -2.53 7.92 12.62
N PHE A 101 -3.27 7.82 13.72
CA PHE A 101 -3.89 6.58 14.15
C PHE A 101 -5.17 6.39 13.35
N LEU A 102 -5.30 5.26 12.67
CA LEU A 102 -6.47 4.97 11.86
C LEU A 102 -7.19 3.79 12.49
N GLN A 103 -8.27 4.11 13.20
CA GLN A 103 -8.94 3.16 14.09
C GLN A 103 -9.58 1.95 13.41
N GLY A 104 -9.89 2.10 12.13
CA GLY A 104 -10.45 1.00 11.33
C GLY A 104 -9.48 -0.12 11.02
N GLY A 105 -8.18 0.12 11.20
CA GLY A 105 -7.17 -0.88 10.90
C GLY A 105 -6.99 -1.12 9.40
N ALA A 106 -6.45 -2.27 9.06
CA ALA A 106 -6.05 -2.59 7.69
C ALA A 106 -7.12 -3.40 6.96
N LEU A 107 -7.28 -3.14 5.67
CA LEU A 107 -8.29 -3.82 4.86
C LEU A 107 -8.15 -5.36 4.92
N THR A 108 -6.91 -5.84 5.01
CA THR A 108 -6.63 -7.28 5.12
C THR A 108 -7.46 -7.96 6.21
N ASP A 109 -7.61 -7.30 7.36
CA ASP A 109 -8.28 -7.93 8.49
C ASP A 109 -9.80 -7.84 8.36
N ILE A 110 -10.29 -6.91 7.53
CA ILE A 110 -11.71 -6.88 7.16
C ILE A 110 -12.00 -8.00 6.15
N VAL A 111 -11.17 -8.11 5.13
CA VAL A 111 -11.40 -9.06 4.04
C VAL A 111 -11.40 -10.52 4.50
N SER A 112 -10.49 -10.87 5.41
CA SER A 112 -10.48 -12.22 5.98
C SER A 112 -11.73 -12.49 6.84
N GLN A 113 -12.42 -11.44 7.27
CA GLN A 113 -13.50 -11.56 8.25
C GLN A 113 -14.91 -11.35 7.69
N VAL A 114 -15.06 -10.42 6.74
CA VAL A 114 -16.39 -10.07 6.20
C VAL A 114 -16.31 -9.81 4.70
N ARG A 115 -17.29 -10.34 3.97
CA ARG A 115 -17.34 -10.22 2.51
C ARG A 115 -17.83 -8.84 2.08
N LEU A 116 -16.98 -8.09 1.38
CA LEU A 116 -17.36 -6.77 0.88
C LEU A 116 -18.38 -6.91 -0.25
N ASN A 117 -19.37 -6.04 -0.28
CA ASN A 117 -20.27 -6.00 -1.43
C ASN A 117 -19.66 -5.08 -2.47
N GLU A 118 -20.24 -5.06 -3.67
CA GLU A 118 -19.71 -4.27 -4.77
C GLU A 118 -19.68 -2.76 -4.50
N GLU A 119 -20.67 -2.24 -3.77
CA GLU A 119 -20.65 -0.82 -3.39
C GLU A 119 -19.40 -0.51 -2.54
N GLN A 120 -19.09 -1.42 -1.63
CA GLN A 120 -17.93 -1.27 -0.76
C GLN A 120 -16.62 -1.39 -1.53
N ILE A 121 -16.55 -2.38 -2.42
CA ILE A 121 -15.38 -2.55 -3.29
C ILE A 121 -15.14 -1.29 -4.11
N ALA A 122 -16.21 -0.73 -4.67
CA ALA A 122 -16.10 0.49 -5.48
C ALA A 122 -15.60 1.67 -4.65
N THR A 123 -16.09 1.79 -3.43
CA THR A 123 -15.67 2.85 -2.52
C THR A 123 -14.18 2.72 -2.19
N VAL A 124 -13.72 1.50 -1.89
CA VAL A 124 -12.29 1.23 -1.64
C VAL A 124 -11.43 1.57 -2.87
N CYS A 125 -11.83 1.11 -4.04
CA CYS A 125 -11.07 1.34 -5.26
C CYS A 125 -10.98 2.80 -5.65
N GLU A 126 -12.08 3.53 -5.51
CA GLU A 126 -12.08 4.94 -5.85
C GLU A 126 -11.06 5.68 -4.98
N ALA A 127 -11.05 5.41 -3.68
CA ALA A 127 -10.12 6.08 -2.78
C ALA A 127 -8.67 5.74 -3.13
N VAL A 128 -8.40 4.47 -3.40
CA VAL A 128 -7.05 4.03 -3.74
C VAL A 128 -6.61 4.59 -5.09
N LEU A 129 -7.54 4.66 -6.04
CA LEU A 129 -7.22 5.22 -7.35
C LEU A 129 -6.94 6.72 -7.32
N GLN A 130 -7.62 7.45 -6.44
CA GLN A 130 -7.34 8.87 -6.26
C GLN A 130 -5.92 9.04 -5.75
N ALA A 131 -5.55 8.24 -4.74
CA ALA A 131 -4.19 8.27 -4.20
C ALA A 131 -3.16 7.93 -5.27
N LEU A 132 -3.43 6.86 -6.03
CA LEU A 132 -2.53 6.42 -7.09
C LEU A 132 -2.45 7.42 -8.24
N ALA A 133 -3.58 7.99 -8.65
CA ALA A 133 -3.53 8.98 -9.75
C ALA A 133 -2.61 10.13 -9.35
N TYR A 134 -2.77 10.55 -8.10
CA TYR A 134 -1.95 11.63 -7.55
C TYR A 134 -0.46 11.24 -7.50
N LEU A 135 -0.13 10.13 -6.84
CA LEU A 135 1.26 9.68 -6.72
C LEU A 135 1.92 9.42 -8.09
N HIS A 136 1.18 8.77 -8.98
CA HIS A 136 1.68 8.48 -10.32
C HIS A 136 2.02 9.73 -11.10
N ALA A 137 1.24 10.79 -10.87
CA ALA A 137 1.49 12.08 -11.52
C ALA A 137 2.75 12.77 -10.98
N GLN A 138 3.18 12.36 -9.78
CA GLN A 138 4.41 12.86 -9.16
C GLN A 138 5.60 11.94 -9.47
N GLY A 139 5.36 10.86 -10.22
CA GLY A 139 6.41 9.92 -10.57
C GLY A 139 6.76 8.91 -9.49
N VAL A 140 5.80 8.62 -8.62
CA VAL A 140 5.97 7.63 -7.58
C VAL A 140 5.30 6.32 -8.02
N ILE A 141 6.07 5.24 -8.00
CA ILE A 141 5.53 3.89 -8.17
C ILE A 141 5.51 3.27 -6.78
N HIS A 142 4.32 2.91 -6.30
CA HIS A 142 4.17 2.36 -4.98
C HIS A 142 4.84 0.97 -4.86
N ARG A 143 4.49 0.07 -5.78
CA ARG A 143 5.07 -1.28 -5.90
C ARG A 143 4.61 -2.32 -4.86
N ASP A 144 3.82 -1.91 -3.88
CA ASP A 144 3.32 -2.82 -2.85
C ASP A 144 1.84 -2.58 -2.57
N ILE A 145 1.04 -2.43 -3.62
CA ILE A 145 -0.40 -2.35 -3.47
C ILE A 145 -0.92 -3.75 -3.14
N LYS A 146 -1.65 -3.83 -2.03
CA LYS A 146 -2.33 -5.04 -1.57
C LYS A 146 -3.19 -4.61 -0.38
N SER A 147 -4.09 -5.48 0.08
CA SER A 147 -5.05 -5.01 1.08
C SER A 147 -4.36 -4.52 2.37
N ASP A 148 -3.21 -5.09 2.69
CA ASP A 148 -2.39 -4.68 3.86
C ASP A 148 -1.99 -3.21 3.83
N SER A 149 -1.83 -2.66 2.62
CA SER A 149 -1.42 -1.28 2.43
C SER A 149 -2.57 -0.30 2.64
N ILE A 150 -3.79 -0.82 2.79
CA ILE A 150 -4.98 0.01 2.84
C ILE A 150 -5.48 0.09 4.28
N LEU A 151 -5.62 1.32 4.78
CA LEU A 151 -6.11 1.54 6.14
C LEU A 151 -7.41 2.34 6.13
N LEU A 152 -8.22 2.15 7.16
CA LEU A 152 -9.52 2.83 7.30
C LEU A 152 -9.57 3.73 8.54
N THR A 153 -10.06 4.95 8.38
CA THR A 153 -10.44 5.79 9.52
C THR A 153 -11.69 5.20 10.16
N LEU A 154 -12.01 5.68 11.37
CA LEU A 154 -13.24 5.30 12.08
C LEU A 154 -14.51 5.53 11.25
N ASP A 155 -14.55 6.62 10.49
CA ASP A 155 -15.72 6.95 9.66
C ASP A 155 -15.72 6.30 8.26
N GLY A 156 -14.73 5.47 7.95
CA GLY A 156 -14.72 4.69 6.71
C GLY A 156 -13.96 5.33 5.56
N ARG A 157 -13.14 6.33 5.86
CA ARG A 157 -12.27 6.94 4.89
C ARG A 157 -11.10 5.99 4.64
N VAL A 158 -10.75 5.80 3.37
CA VAL A 158 -9.70 4.86 3.00
C VAL A 158 -8.39 5.60 2.75
N LYS A 159 -7.30 5.09 3.30
CA LYS A 159 -5.97 5.69 3.19
C LYS A 159 -4.89 4.69 2.78
N LEU A 160 -4.08 5.10 1.81
CA LEU A 160 -2.94 4.31 1.35
C LEU A 160 -1.75 4.50 2.28
N SER A 161 -1.04 3.40 2.53
CA SER A 161 0.07 3.32 3.46
C SER A 161 1.18 2.44 2.85
N ASP A 162 2.19 2.10 3.67
CA ASP A 162 3.22 1.11 3.33
C ASP A 162 4.06 1.54 2.14
N PHE A 163 4.75 2.66 2.30
CA PHE A 163 5.49 3.28 1.20
C PHE A 163 6.92 2.80 1.05
N GLY A 164 7.30 1.79 1.83
CA GLY A 164 8.69 1.32 1.87
C GLY A 164 9.28 0.87 0.54
N PHE A 165 8.45 0.31 -0.34
CA PHE A 165 8.88 -0.22 -1.62
C PHE A 165 8.84 0.83 -2.73
N CYS A 166 8.46 2.06 -2.40
CA CYS A 166 8.26 3.08 -3.43
C CYS A 166 9.50 3.30 -4.28
N ALA A 167 9.25 3.65 -5.54
CA ALA A 167 10.27 4.15 -6.43
C ALA A 167 9.84 5.54 -6.87
N GLN A 168 10.81 6.46 -6.91
CA GLN A 168 10.58 7.81 -7.40
C GLN A 168 11.33 7.85 -8.72
N ILE A 169 10.59 7.88 -9.83
CA ILE A 169 11.21 7.97 -11.13
C ILE A 169 11.56 9.43 -11.45
N SER A 170 12.28 9.63 -12.56
CA SER A 170 12.84 10.93 -12.89
C SER A 170 13.20 10.93 -14.37
N LYS A 171 13.48 12.11 -14.92
CA LYS A 171 13.90 12.24 -16.32
C LYS A 171 15.06 11.30 -16.66
N ASP A 172 16.02 11.16 -15.74
CA ASP A 172 17.23 10.37 -16.02
C ASP A 172 17.01 8.88 -15.84
N VAL A 173 16.07 8.52 -14.98
CA VAL A 173 15.77 7.12 -14.70
C VAL A 173 14.25 6.95 -14.70
N PRO A 174 13.64 6.96 -15.89
CA PRO A 174 12.17 6.99 -15.97
C PRO A 174 11.50 5.65 -15.69
N LYS A 175 12.28 4.57 -15.69
CA LYS A 175 11.74 3.23 -15.44
C LYS A 175 12.64 2.45 -14.50
N ARG A 176 12.05 1.51 -13.78
CA ARG A 176 12.80 0.60 -12.93
C ARG A 176 12.74 -0.82 -13.49
N LYS A 177 13.62 -1.65 -12.98
CA LYS A 177 13.82 -3.00 -13.46
C LYS A 177 13.90 -4.00 -12.30
N LEU A 179 13.36 -6.33 -8.89
CA LEU A 179 12.37 -7.27 -8.37
C LEU A 179 11.88 -6.82 -7.02
N VAL A 180 10.87 -5.96 -7.03
CA VAL A 180 10.32 -5.38 -5.81
C VAL A 180 8.81 -5.56 -5.77
N GLY A 181 8.31 -6.09 -4.66
CA GLY A 181 6.88 -6.21 -4.41
C GLY A 181 6.60 -7.35 -3.46
N THR A 182 5.33 -7.70 -3.33
CA THR A 182 4.91 -8.92 -2.64
C THR A 182 4.47 -9.92 -3.71
N PRO A 183 5.11 -11.11 -3.77
CA PRO A 183 4.94 -12.10 -4.84
C PRO A 183 3.57 -12.17 -5.53
N TYR A 184 2.52 -12.52 -4.77
CA TYR A 184 1.20 -12.79 -5.38
C TYR A 184 0.59 -11.56 -6.06
N TRP A 185 1.05 -10.36 -5.71
CA TRP A 185 0.50 -9.10 -6.22
C TRP A 185 1.35 -8.44 -7.32
N MET A 186 2.51 -9.02 -7.61
CA MET A 186 3.46 -8.37 -8.53
C MET A 186 3.06 -8.55 -9.99
N ALA A 187 3.22 -7.47 -10.77
CA ALA A 187 2.95 -7.49 -12.19
C ALA A 187 3.94 -8.37 -12.94
N PRO A 188 3.49 -9.05 -14.00
CA PRO A 188 4.40 -9.95 -14.72
C PRO A 188 5.68 -9.30 -15.20
N GLU A 189 5.60 -8.02 -15.58
CA GLU A 189 6.79 -7.27 -16.02
C GLU A 189 7.83 -7.01 -14.92
N VAL A 190 7.36 -6.93 -13.67
CA VAL A 190 8.28 -6.82 -12.52
C VAL A 190 8.94 -8.16 -12.27
N ILE A 191 8.13 -9.21 -12.32
CA ILE A 191 8.62 -10.57 -12.12
C ILE A 191 9.66 -10.94 -13.20
N SER A 192 9.44 -10.51 -14.44
CA SER A 192 10.40 -10.74 -15.53
C SER A 192 11.59 -9.77 -15.53
N ARG A 193 11.67 -8.89 -14.54
CA ARG A 193 12.71 -7.86 -14.49
C ARG A 193 12.80 -7.04 -15.76
N SER A 194 11.63 -6.70 -16.32
CA SER A 194 11.55 -5.81 -17.47
C SER A 194 11.57 -4.37 -16.98
N LEU A 195 11.84 -3.44 -17.88
CA LEU A 195 11.70 -2.02 -17.57
C LEU A 195 10.22 -1.70 -17.36
N TYR A 196 9.89 -1.07 -16.22
CA TYR A 196 8.50 -0.78 -15.86
C TYR A 196 8.35 0.56 -15.15
N ALA A 197 7.11 1.01 -15.08
CA ALA A 197 6.81 2.26 -14.40
C ALA A 197 5.54 2.14 -13.58
N THR A 198 4.67 3.15 -13.61
CA THR A 198 3.55 3.22 -12.68
C THR A 198 2.46 2.18 -12.96
N GLU A 199 2.50 1.57 -14.15
CA GLU A 199 1.47 0.63 -14.58
C GLU A 199 1.42 -0.59 -13.66
N VAL A 200 2.55 -0.89 -13.02
CA VAL A 200 2.65 -2.06 -12.18
C VAL A 200 1.67 -1.98 -11.00
N ASP A 201 1.36 -0.77 -10.54
CA ASP A 201 0.41 -0.57 -9.44
C ASP A 201 -1.02 -0.88 -9.82
N ILE A 202 -1.35 -0.73 -11.10
CA ILE A 202 -2.70 -1.01 -11.59
C ILE A 202 -2.93 -2.52 -11.64
N TRP A 203 -1.93 -3.29 -12.08
CA TRP A 203 -2.02 -4.75 -11.96
C TRP A 203 -2.22 -5.18 -10.50
N SER A 204 -1.37 -4.68 -9.61
CA SER A 204 -1.47 -5.01 -8.19
C SER A 204 -2.84 -4.64 -7.61
N LEU A 205 -3.41 -3.53 -8.07
CA LEU A 205 -4.74 -3.14 -7.62
C LEU A 205 -5.76 -4.21 -8.07
N GLY A 206 -5.61 -4.70 -9.29
CA GLY A 206 -6.46 -5.78 -9.80
C GLY A 206 -6.38 -7.02 -8.92
N ILE A 207 -5.19 -7.35 -8.46
CA ILE A 207 -5.06 -8.50 -7.55
C ILE A 207 -5.74 -8.21 -6.22
N MET A 208 -5.65 -6.97 -5.73
CA MET A 208 -6.39 -6.59 -4.54
C MET A 208 -7.91 -6.70 -4.71
N VAL A 209 -8.41 -6.43 -5.92
CA VAL A 209 -9.84 -6.59 -6.20
C VAL A 209 -10.22 -8.07 -6.09
N ILE A 210 -9.35 -8.95 -6.58
CA ILE A 210 -9.52 -10.38 -6.41
C ILE A 210 -9.49 -10.76 -4.93
N GLU A 211 -8.58 -10.18 -4.13
CA GLU A 211 -8.64 -10.35 -2.67
C GLU A 211 -10.04 -10.03 -2.13
N MET A 212 -10.60 -8.90 -2.54
CA MET A 212 -11.88 -8.43 -2.00
C MET A 212 -13.05 -9.31 -2.39
N VAL A 213 -13.01 -9.86 -3.60
CA VAL A 213 -14.05 -10.76 -4.13
C VAL A 213 -13.87 -12.22 -3.66
N ASP A 214 -12.66 -12.75 -3.78
CA ASP A 214 -12.37 -14.17 -3.47
C ASP A 214 -11.87 -14.40 -2.04
N GLY A 215 -11.30 -13.38 -1.40
CA GLY A 215 -10.72 -13.53 -0.06
C GLY A 215 -9.23 -13.83 -0.05
N GLU A 216 -8.66 -14.03 -1.23
CA GLU A 216 -7.25 -14.34 -1.37
C GLU A 216 -6.80 -14.00 -2.78
N PRO A 217 -5.51 -13.67 -2.97
CA PRO A 217 -5.02 -13.42 -4.30
C PRO A 217 -4.91 -14.72 -5.06
N PRO A 218 -4.67 -14.66 -6.38
CA PRO A 218 -4.52 -15.90 -7.13
C PRO A 218 -3.29 -16.70 -6.71
N TYR A 219 -3.35 -18.02 -6.91
CA TYR A 219 -2.25 -18.93 -6.64
C TYR A 219 -1.79 -18.88 -5.17
N PHE A 220 -2.67 -18.47 -4.27
CA PHE A 220 -2.28 -18.25 -2.88
C PHE A 220 -1.86 -19.56 -2.20
N SER A 221 -2.36 -20.69 -2.70
CA SER A 221 -1.96 -21.99 -2.16
C SER A 221 -0.57 -22.45 -2.66
N ASP A 222 -0.02 -21.75 -3.64
CA ASP A 222 1.34 -22.02 -4.12
C ASP A 222 2.37 -21.29 -3.26
N SER A 223 3.61 -21.77 -3.31
CA SER A 223 4.74 -21.04 -2.75
C SER A 223 4.92 -19.74 -3.56
N PRO A 224 5.51 -18.71 -2.93
CA PRO A 224 5.65 -17.40 -3.57
C PRO A 224 6.35 -17.47 -4.92
N VAL A 225 7.43 -18.24 -5.01
CA VAL A 225 8.16 -18.35 -6.28
C VAL A 225 7.30 -19.04 -7.36
N GLN A 226 6.55 -20.06 -6.97
CA GLN A 226 5.75 -20.80 -7.93
C GLN A 226 4.62 -19.92 -8.44
N ALA A 227 4.03 -19.14 -7.52
CA ALA A 227 2.96 -18.23 -7.89
C ALA A 227 3.52 -17.19 -8.89
N MET A 228 4.71 -16.68 -8.60
CA MET A 228 5.36 -15.73 -9.50
C MET A 228 5.64 -16.31 -10.90
N LYS A 229 6.09 -17.56 -10.98
CA LYS A 229 6.28 -18.20 -12.28
C LYS A 229 4.95 -18.31 -13.03
N ARG A 230 3.89 -18.68 -12.32
CA ARG A 230 2.54 -18.76 -12.91
C ARG A 230 2.03 -17.41 -13.42
N LEU A 231 2.21 -16.36 -12.61
CA LEU A 231 1.85 -14.99 -13.03
C LEU A 231 2.69 -14.50 -14.22
N ARG A 232 3.97 -14.88 -14.24
CA ARG A 232 4.85 -14.49 -15.35
C ARG A 232 4.42 -15.16 -16.67
N ASP A 233 3.94 -16.40 -16.59
CA ASP A 233 3.78 -17.26 -17.77
C ASP A 233 2.36 -17.39 -18.29
N SER A 234 1.36 -16.98 -17.51
CA SER A 234 -0.04 -17.27 -17.77
C SER A 234 -0.84 -16.06 -18.23
N PRO A 235 -1.99 -16.31 -18.87
CA PRO A 235 -2.97 -15.25 -19.05
C PRO A 235 -3.30 -14.65 -17.71
N PRO A 236 -3.91 -13.46 -17.69
CA PRO A 236 -4.27 -12.88 -16.40
C PRO A 236 -5.13 -13.83 -15.54
N PRO A 237 -4.97 -13.78 -14.22
CA PRO A 237 -5.70 -14.71 -13.35
C PRO A 237 -7.19 -14.37 -13.27
N LYS A 238 -8.01 -15.39 -13.07
CA LYS A 238 -9.46 -15.21 -13.04
C LYS A 238 -10.00 -15.21 -11.62
N LEU A 239 -11.07 -14.46 -11.40
CA LEU A 239 -11.85 -14.53 -10.17
C LEU A 239 -12.42 -15.92 -9.98
N LYS A 240 -12.17 -16.52 -8.82
CA LYS A 240 -12.86 -17.75 -8.45
C LYS A 240 -14.37 -17.46 -8.45
N ASN A 241 -14.75 -16.31 -7.89
CA ASN A 241 -16.15 -15.92 -7.78
C ASN A 241 -16.65 -15.02 -8.91
N SER A 242 -16.18 -15.27 -10.13
CA SER A 242 -16.56 -14.45 -11.29
CA SER A 242 -16.56 -14.48 -11.30
C SER A 242 -18.07 -14.45 -11.52
N HIS A 243 -18.71 -15.58 -11.23
CA HIS A 243 -20.18 -15.72 -11.37
C HIS A 243 -20.97 -14.87 -10.38
N LYS A 244 -20.35 -14.41 -9.30
CA LYS A 244 -21.02 -13.60 -8.29
C LYS A 244 -21.01 -12.11 -8.59
N VAL A 245 -20.11 -11.65 -9.47
CA VAL A 245 -19.90 -10.23 -9.68
C VAL A 245 -20.61 -9.70 -10.93
N SER A 246 -20.97 -8.44 -10.86
CA SER A 246 -21.61 -7.74 -11.97
C SER A 246 -20.68 -7.66 -13.18
N PRO A 247 -21.27 -7.69 -14.40
CA PRO A 247 -20.50 -7.40 -15.62
C PRO A 247 -19.67 -6.12 -15.54
N VAL A 248 -20.18 -5.08 -14.90
CA VAL A 248 -19.43 -3.82 -14.86
C VAL A 248 -18.16 -3.95 -14.01
N LEU A 249 -18.26 -4.64 -12.87
CA LEU A 249 -17.08 -4.94 -12.06
C LEU A 249 -16.12 -5.84 -12.81
N ARG A 250 -16.66 -6.84 -13.52
CA ARG A 250 -15.84 -7.72 -14.33
C ARG A 250 -15.02 -6.90 -15.34
N ASP A 251 -15.67 -5.91 -15.96
CA ASP A 251 -15.02 -5.09 -16.98
C ASP A 251 -13.91 -4.22 -16.38
N PHE A 252 -14.22 -3.64 -15.23
CA PHE A 252 -13.30 -2.81 -14.45
C PHE A 252 -12.03 -3.62 -14.13
N LEU A 253 -12.21 -4.86 -13.68
CA LEU A 253 -11.09 -5.74 -13.35
C LEU A 253 -10.27 -6.13 -14.57
N GLU A 254 -10.96 -6.47 -15.66
CA GLU A 254 -10.29 -6.86 -16.90
C GLU A 254 -9.46 -5.72 -17.50
N ARG A 255 -9.76 -4.48 -17.18
CA ARG A 255 -8.94 -3.37 -17.64
C ARG A 255 -7.67 -3.17 -16.78
N MET A 256 -7.63 -3.78 -15.61
CA MET A 256 -6.47 -3.71 -14.73
C MET A 256 -5.53 -4.89 -14.94
N LEU A 257 -6.10 -6.09 -15.08
CA LEU A 257 -5.32 -7.31 -15.21
C LEU A 257 -5.03 -7.60 -16.68
N VAL A 258 -4.26 -6.69 -17.28
CA VAL A 258 -3.88 -6.76 -18.68
C VAL A 258 -2.38 -6.96 -18.72
N ARG A 259 -1.94 -8.01 -19.41
CA ARG A 259 -0.51 -8.28 -19.51
C ARG A 259 0.26 -7.11 -20.14
N ASP A 260 -0.22 -6.62 -21.28
CA ASP A 260 0.43 -5.51 -21.99
C ASP A 260 0.37 -4.24 -21.12
N PRO A 261 1.52 -3.80 -20.60
CA PRO A 261 1.47 -2.68 -19.65
C PRO A 261 0.96 -1.36 -20.24
N GLN A 262 1.15 -1.14 -21.54
CA GLN A 262 0.67 0.10 -22.16
C GLN A 262 -0.83 0.10 -22.43
N GLU A 263 -1.41 -1.07 -22.68
CA GLU A 263 -2.86 -1.20 -22.87
C GLU A 263 -3.61 -1.21 -21.53
N ARG A 264 -2.93 -1.67 -20.47
CA ARG A 264 -3.48 -1.60 -19.12
C ARG A 264 -3.98 -0.19 -18.81
N ALA A 265 -5.14 -0.08 -18.16
CA ALA A 265 -5.68 1.23 -17.81
C ALA A 265 -4.77 1.96 -16.83
N THR A 266 -4.77 3.29 -16.93
CA THR A 266 -4.11 4.14 -15.95
C THR A 266 -5.05 4.34 -14.80
N ALA A 267 -4.54 4.89 -13.70
CA ALA A 267 -5.38 5.23 -12.56
C ALA A 267 -6.44 6.25 -12.96
N GLN A 268 -6.03 7.26 -13.71
CA GLN A 268 -6.95 8.33 -14.10
C GLN A 268 -8.07 7.77 -14.97
N GLU A 269 -7.73 6.84 -15.85
CA GLU A 269 -8.72 6.22 -16.71
C GLU A 269 -9.70 5.39 -15.90
N LEU A 270 -9.24 4.71 -14.87
CA LEU A 270 -10.13 3.87 -14.06
C LEU A 270 -11.09 4.70 -13.23
N LEU A 271 -10.66 5.90 -12.85
CA LEU A 271 -11.52 6.82 -12.12
C LEU A 271 -12.77 7.18 -12.94
N ASP A 272 -12.66 7.15 -14.27
CA ASP A 272 -13.78 7.45 -15.15
C ASP A 272 -14.59 6.20 -15.53
N HIS A 273 -14.28 5.06 -14.93
CA HIS A 273 -14.96 3.82 -15.28
C HIS A 273 -16.34 3.72 -14.63
N PRO A 274 -17.34 3.22 -15.38
CA PRO A 274 -18.71 3.14 -14.86
C PRO A 274 -18.87 2.39 -13.53
N PHE A 275 -18.01 1.38 -13.27
CA PHE A 275 -18.03 0.71 -11.97
C PHE A 275 -18.02 1.67 -10.78
N LEU A 276 -17.23 2.74 -10.88
CA LEU A 276 -17.10 3.69 -9.77
C LEU A 276 -18.29 4.64 -9.60
N LEU A 277 -19.27 4.58 -10.50
CA LEU A 277 -20.58 5.19 -10.24
C LEU A 277 -21.34 4.42 -9.15
N GLN A 278 -20.85 3.22 -8.81
CA GLN A 278 -21.44 2.38 -7.78
C GLN A 278 -20.90 2.65 -6.37
N THR A 279 -20.00 3.62 -6.22
CA THR A 279 -19.44 3.93 -4.89
C THR A 279 -20.55 4.33 -3.93
N GLY A 280 -20.32 4.05 -2.64
CA GLY A 280 -21.17 4.53 -1.57
C GLY A 280 -20.51 5.69 -0.88
N LEU A 281 -21.23 6.30 0.06
CA LEU A 281 -20.62 7.27 0.97
C LEU A 281 -19.64 6.50 1.86
N PRO A 282 -18.56 7.17 2.33
CA PRO A 282 -17.59 6.47 3.18
C PRO A 282 -18.25 5.69 4.32
N GLU A 283 -19.45 6.12 4.71
CA GLU A 283 -20.28 5.45 5.71
C GLU A 283 -20.55 3.99 5.38
N CYS A 284 -20.59 3.64 4.09
CA CYS A 284 -20.86 2.26 3.65
C CYS A 284 -19.78 1.26 4.09
N LEU A 285 -18.62 1.77 4.52
CA LEU A 285 -17.54 0.91 5.03
C LEU A 285 -17.56 0.83 6.56
N VAL A 286 -18.25 1.75 7.22
CA VAL A 286 -18.31 1.79 8.69
C VAL A 286 -18.77 0.46 9.31
N PRO A 287 -19.81 -0.21 8.73
CA PRO A 287 -20.24 -1.53 9.21
C PRO A 287 -19.19 -2.65 9.12
N LEU A 288 -18.15 -2.44 8.33
CA LEU A 288 -17.00 -3.37 8.29
C LEU A 288 -16.09 -3.12 9.50
N ILE A 289 -16.05 -1.86 9.95
CA ILE A 289 -15.21 -1.46 11.08
C ILE A 289 -15.88 -1.83 12.39
#